data_7T2Z
#
_entry.id   7T2Z
#
_cell.length_a   57.315
_cell.length_b   57.315
_cell.length_c   121.007
_cell.angle_alpha   90.000
_cell.angle_beta   90.000
_cell.angle_gamma   120.000
#
_symmetry.space_group_name_H-M   'P 31'
#
loop_
_entity.id
_entity.type
_entity.pdbx_description
1 polymer 'Putative NAD(P)H nitroreductase'
2 non-polymer 1,2-ETHANEDIOL
3 non-polymer 'FLAVIN MONONUCLEOTIDE'
4 non-polymer 1-methyl-5-nitro-1H-imidazole
5 non-polymer 'ACETIC ACID'
6 water water
#
_entity_poly.entity_id   1
_entity_poly.type   'polypeptide(L)'
_entity_poly.pdbx_seq_one_letter_code
;MTQLTREQVLELFHQRSSTRYYDPTKKISDEDFECILECGRLSPSSVGSEPWKFLVIQNKTLREKMKPFSWGMINQLDNC
SHLVVILAKKNARYDSPFFVDVMARKGLNAEQQQAALTKYKALQEEDMKLLENDRTLFDWCSKQTYIALANMLTGASALG
IDSCPIEGFHYDKMNECLAEEGLFDPQEYAVSVAATFGYRSRDIAKKSRKGLDEVVKWVGKLAAALEHHHHHH
;
_entity_poly.pdbx_strand_id   A,B
#
loop_
_chem_comp.id
_chem_comp.type
_chem_comp.name
_chem_comp.formula
ACY non-polymer 'ACETIC ACID' 'C2 H4 O2'
EDO non-polymer 1,2-ETHANEDIOL 'C2 H6 O2'
EIV non-polymer 1-methyl-5-nitro-1H-imidazole 'C4 H5 N3 O2'
FMN non-polymer 'FLAVIN MONONUCLEOTIDE' 'C17 H21 N4 O9 P'
#
# COMPACT_ATOMS: atom_id res chain seq x y z
N THR A 2 1.20 -19.63 -6.69
CA THR A 2 1.96 -20.24 -5.60
C THR A 2 3.47 -20.19 -5.86
N GLN A 3 3.89 -20.50 -7.07
CA GLN A 3 5.27 -20.28 -7.47
C GLN A 3 5.34 -20.00 -8.96
N LEU A 4 5.84 -18.81 -9.33
CA LEU A 4 5.97 -18.40 -10.72
C LEU A 4 7.43 -18.19 -11.08
N THR A 5 7.68 -17.96 -12.36
CA THR A 5 9.02 -17.59 -12.81
C THR A 5 9.18 -16.07 -12.86
N ARG A 6 10.44 -15.63 -12.90
CA ARG A 6 10.72 -14.21 -13.00
C ARG A 6 10.00 -13.57 -14.19
N GLU A 7 9.88 -14.30 -15.31
CA GLU A 7 9.11 -13.74 -16.42
C GLU A 7 7.62 -13.71 -16.11
N GLN A 8 7.11 -14.77 -15.48
CA GLN A 8 5.69 -14.80 -15.07
C GLN A 8 5.37 -13.68 -14.09
N VAL A 9 6.19 -13.54 -13.04
CA VAL A 9 5.99 -12.49 -12.03
C VAL A 9 6.00 -11.12 -12.68
N LEU A 10 6.99 -10.88 -13.56
CA LEU A 10 7.12 -9.59 -14.23
C LEU A 10 5.86 -9.23 -15.02
N GLU A 11 5.27 -10.20 -15.74
CA GLU A 11 4.10 -9.86 -16.53
C GLU A 11 2.86 -9.74 -15.65
N LEU A 12 2.77 -10.54 -14.58
CA LEU A 12 1.68 -10.35 -13.61
C LEU A 12 1.57 -8.90 -13.15
N PHE A 13 2.70 -8.25 -12.88
CA PHE A 13 2.68 -6.85 -12.49
C PHE A 13 2.71 -5.89 -13.68
N HIS A 14 3.25 -6.32 -14.83
CA HIS A 14 3.22 -5.48 -16.02
C HIS A 14 1.82 -5.41 -16.59
N GLN A 15 1.12 -6.54 -16.64
CA GLN A 15 -0.20 -6.67 -17.25
C GLN A 15 -1.29 -5.90 -16.52
N ARG A 16 -1.10 -5.61 -15.22
CA ARG A 16 -2.07 -4.82 -14.48
C ARG A 16 -1.95 -3.37 -14.91
N SER A 17 -3.06 -2.78 -15.33
CA SER A 17 -3.09 -1.36 -15.62
C SER A 17 -4.42 -0.81 -15.16
N SER A 18 -4.49 0.52 -15.08
CA SER A 18 -5.68 1.19 -14.55
C SER A 18 -6.73 1.35 -15.65
N THR A 19 -7.88 0.68 -15.47
CA THR A 19 -8.93 0.63 -16.49
C THR A 19 -9.94 1.77 -16.26
N ARG A 20 -10.02 2.68 -17.24
CA ARG A 20 -10.95 3.82 -17.20
C ARG A 20 -12.23 3.58 -17.99
N TYR A 21 -12.37 2.41 -18.63
CA TYR A 21 -13.47 2.13 -19.54
C TYR A 21 -13.83 0.65 -19.40
N TYR A 22 -15.01 0.38 -18.84
CA TYR A 22 -15.43 -0.97 -18.53
C TYR A 22 -16.58 -1.40 -19.45
N ASP A 23 -16.65 -2.70 -19.66
CA ASP A 23 -17.74 -3.31 -20.40
C ASP A 23 -18.92 -3.54 -19.48
N PRO A 24 -19.99 -2.75 -19.61
CA PRO A 24 -21.17 -2.91 -18.73
C PRO A 24 -21.86 -4.26 -18.85
N THR A 25 -21.53 -5.05 -19.88
CA THR A 25 -22.16 -6.36 -20.02
C THR A 25 -21.51 -7.44 -19.15
N LYS A 26 -20.26 -7.27 -18.72
CA LYS A 26 -19.53 -8.36 -18.07
C LYS A 26 -19.38 -8.11 -16.58
N LYS A 27 -19.82 -9.08 -15.79
CA LYS A 27 -19.86 -9.01 -14.34
C LYS A 27 -18.89 -10.03 -13.76
N ILE A 28 -18.27 -9.68 -12.64
CA ILE A 28 -17.37 -10.61 -11.97
C ILE A 28 -18.19 -11.64 -11.21
N SER A 29 -17.69 -12.88 -11.16
CA SER A 29 -18.37 -13.92 -10.41
C SER A 29 -18.40 -13.60 -8.93
N ASP A 30 -19.35 -14.23 -8.23
CA ASP A 30 -19.31 -14.22 -6.76
C ASP A 30 -18.00 -14.80 -6.25
N GLU A 31 -17.58 -15.93 -6.81
CA GLU A 31 -16.38 -16.61 -6.37
C GLU A 31 -15.12 -15.83 -6.76
N ASP A 32 -15.12 -15.22 -7.95
CA ASP A 32 -13.97 -14.42 -8.35
C ASP A 32 -13.81 -13.20 -7.45
N PHE A 33 -14.91 -12.54 -7.10
CA PHE A 33 -14.81 -11.35 -6.27
C PHE A 33 -14.45 -11.69 -4.83
N GLU A 34 -15.05 -12.74 -4.27
CA GLU A 34 -14.71 -13.09 -2.89
C GLU A 34 -13.22 -13.37 -2.77
N CYS A 35 -12.63 -13.97 -3.81
CA CYS A 35 -11.20 -14.23 -3.81
C CYS A 35 -10.43 -12.90 -3.86
N ILE A 36 -10.91 -11.93 -4.65
CA ILE A 36 -10.32 -10.59 -4.60
C ILE A 36 -10.40 -10.02 -3.18
N LEU A 37 -11.57 -10.10 -2.56
CA LEU A 37 -11.71 -9.59 -1.20
C LEU A 37 -10.83 -10.34 -0.21
N GLU A 38 -10.60 -11.64 -0.44
CA GLU A 38 -9.68 -12.39 0.42
C GLU A 38 -8.25 -11.85 0.30
N CYS A 39 -7.86 -11.45 -0.90
CA CYS A 39 -6.53 -10.83 -1.07
C CYS A 39 -6.37 -9.61 -0.19
N GLY A 40 -7.43 -8.82 -0.05
CA GLY A 40 -7.40 -7.72 0.89
C GLY A 40 -7.40 -8.19 2.33
N ARG A 41 -8.33 -9.07 2.70
CA ARG A 41 -8.41 -9.53 4.08
C ARG A 41 -7.10 -10.13 4.54
N LEU A 42 -6.39 -10.84 3.67
CA LEU A 42 -5.17 -11.56 4.03
C LEU A 42 -3.92 -10.68 3.97
N SER A 43 -4.08 -9.38 3.78
CA SER A 43 -2.91 -8.54 3.64
C SER A 43 -2.21 -8.35 4.98
N PRO A 44 -0.90 -8.14 4.97
CA PRO A 44 -0.20 -7.76 6.20
C PRO A 44 -0.60 -6.36 6.65
N SER A 45 -0.35 -6.07 7.92
CA SER A 45 -0.65 -4.77 8.47
C SER A 45 0.23 -4.59 9.68
N SER A 46 0.62 -3.33 9.92
CA SER A 46 1.48 -3.02 11.05
C SER A 46 0.87 -3.57 12.34
N VAL A 47 1.70 -4.26 13.12
CA VAL A 47 1.32 -4.94 14.37
C VAL A 47 -0.02 -5.69 14.23
N GLY A 48 -0.29 -6.26 13.05
CA GLY A 48 -1.53 -7.01 12.82
C GLY A 48 -2.80 -6.20 13.00
N SER A 49 -2.71 -4.87 12.89
CA SER A 49 -3.83 -4.00 13.22
C SER A 49 -5.04 -4.15 12.28
N GLU A 50 -4.83 -4.51 11.02
CA GLU A 50 -5.91 -4.67 10.04
C GLU A 50 -6.94 -3.53 10.14
N PRO A 51 -6.50 -2.29 9.99
CA PRO A 51 -7.40 -1.17 10.31
C PRO A 51 -8.30 -0.79 9.16
N TRP A 52 -8.82 -1.76 8.41
CA TRP A 52 -9.62 -1.50 7.22
C TRP A 52 -11.04 -2.02 7.35
N LYS A 53 -11.92 -1.49 6.52
CA LYS A 53 -13.23 -2.07 6.25
C LYS A 53 -13.51 -1.88 4.76
N PHE A 54 -14.09 -2.90 4.11
CA PHE A 54 -14.34 -2.84 2.67
C PHE A 54 -15.84 -2.70 2.43
N LEU A 55 -16.26 -1.57 1.86
CA LEU A 55 -17.64 -1.37 1.45
C LEU A 55 -17.75 -1.69 -0.04
N VAL A 56 -18.58 -2.68 -0.37
CA VAL A 56 -18.82 -3.07 -1.76
C VAL A 56 -20.10 -2.41 -2.22
N ILE A 57 -19.98 -1.40 -3.08
CA ILE A 57 -21.10 -0.55 -3.46
C ILE A 57 -21.66 -1.10 -4.77
N GLN A 58 -22.62 -2.02 -4.66
CA GLN A 58 -23.33 -2.53 -5.83
C GLN A 58 -24.64 -1.81 -6.08
N ASN A 59 -25.22 -1.19 -5.06
CA ASN A 59 -26.43 -0.38 -5.22
C ASN A 59 -26.24 0.66 -6.31
N LYS A 60 -27.09 0.60 -7.34
CA LYS A 60 -26.88 1.49 -8.49
C LYS A 60 -27.18 2.94 -8.16
N THR A 61 -28.25 3.23 -7.43
CA THR A 61 -28.57 4.64 -7.19
C THR A 61 -27.59 5.29 -6.21
N LEU A 62 -27.03 4.51 -5.27
CA LEU A 62 -25.91 5.01 -4.48
C LEU A 62 -24.70 5.35 -5.34
N ARG A 63 -24.41 4.54 -6.37
CA ARG A 63 -23.35 4.90 -7.30
C ARG A 63 -23.64 6.22 -7.99
N GLU A 64 -24.92 6.48 -8.30
CA GLU A 64 -25.28 7.71 -8.99
C GLU A 64 -25.09 8.93 -8.10
N LYS A 65 -25.41 8.79 -6.80
CA LYS A 65 -25.19 9.92 -5.90
C LYS A 65 -23.71 10.30 -5.83
N MET A 66 -22.82 9.33 -6.08
CA MET A 66 -21.38 9.59 -5.97
C MET A 66 -20.87 10.39 -7.15
N LYS A 67 -21.44 10.20 -8.34
CA LYS A 67 -20.92 10.82 -9.56
C LYS A 67 -20.70 12.32 -9.46
N PRO A 68 -21.59 13.12 -8.86
CA PRO A 68 -21.35 14.58 -8.84
C PRO A 68 -20.05 15.00 -8.19
N PHE A 69 -19.49 14.21 -7.28
CA PHE A 69 -18.27 14.59 -6.59
C PHE A 69 -17.13 13.59 -6.76
N SER A 70 -17.25 12.65 -7.69
CA SER A 70 -16.21 11.66 -7.94
C SER A 70 -15.69 11.71 -9.37
N TRP A 71 -15.13 12.86 -9.76
CA TRP A 71 -14.67 13.02 -11.14
C TRP A 71 -13.67 11.95 -11.54
N GLY A 72 -12.84 11.47 -10.60
CA GLY A 72 -11.87 10.44 -10.92
C GLY A 72 -12.48 9.16 -11.44
N MET A 73 -13.77 8.91 -11.19
CA MET A 73 -14.36 7.63 -11.59
C MET A 73 -15.76 7.79 -12.20
N ILE A 74 -16.09 8.98 -12.71
CA ILE A 74 -17.46 9.27 -13.08
C ILE A 74 -17.94 8.42 -14.26
N ASN A 75 -17.03 8.03 -15.17
CA ASN A 75 -17.43 7.11 -16.24
C ASN A 75 -17.46 5.67 -15.74
N GLN A 76 -16.51 5.30 -14.90
CA GLN A 76 -16.41 3.91 -14.46
C GLN A 76 -17.59 3.53 -13.57
N LEU A 77 -18.18 4.50 -12.87
CA LEU A 77 -19.25 4.19 -11.92
C LEU A 77 -20.41 3.47 -12.60
N ASP A 78 -20.72 3.85 -13.85
CA ASP A 78 -21.86 3.26 -14.53
C ASP A 78 -21.60 1.82 -14.99
N ASN A 79 -20.40 1.55 -15.50
CA ASN A 79 -20.17 0.32 -16.23
C ASN A 79 -19.32 -0.72 -15.50
N CYS A 80 -18.61 -0.33 -14.44
CA CYS A 80 -17.79 -1.29 -13.72
C CYS A 80 -18.66 -2.36 -13.05
N SER A 81 -18.09 -3.55 -12.90
CA SER A 81 -18.79 -4.64 -12.24
C SER A 81 -18.93 -4.41 -10.75
N HIS A 82 -17.83 -4.05 -10.09
CA HIS A 82 -17.80 -3.96 -8.64
C HIS A 82 -17.04 -2.72 -8.24
N LEU A 83 -17.52 -2.06 -7.20
CA LEU A 83 -16.89 -0.87 -6.64
C LEU A 83 -16.64 -1.12 -5.16
N VAL A 84 -15.40 -0.94 -4.73
CA VAL A 84 -15.03 -1.10 -3.33
C VAL A 84 -14.56 0.25 -2.81
N VAL A 85 -15.08 0.64 -1.65
CA VAL A 85 -14.58 1.82 -0.94
C VAL A 85 -13.96 1.31 0.35
N ILE A 86 -12.70 1.66 0.57
CA ILE A 86 -11.92 1.18 1.71
C ILE A 86 -11.89 2.27 2.76
N LEU A 87 -12.38 1.95 3.96
CA LEU A 87 -12.26 2.80 5.14
C LEU A 87 -11.05 2.42 5.97
N ALA A 88 -10.51 3.39 6.70
CA ALA A 88 -9.43 3.17 7.64
C ALA A 88 -9.89 3.61 9.02
N LYS A 89 -9.41 2.90 10.05
CA LYS A 89 -9.77 3.17 11.43
C LYS A 89 -9.31 4.56 11.86
N LYS A 90 -10.21 5.32 12.50
CA LYS A 90 -9.84 6.56 13.17
C LYS A 90 -9.42 6.27 14.61
N ASN A 91 -8.50 7.08 15.11
CA ASN A 91 -8.09 7.06 16.52
C ASN A 91 -7.65 5.67 17.00
N ALA A 92 -6.81 5.00 16.21
CA ALA A 92 -6.33 3.67 16.60
C ALA A 92 -5.17 3.78 17.58
N ARG A 93 -5.43 4.47 18.69
CA ARG A 93 -4.43 4.67 19.72
C ARG A 93 -4.09 3.34 20.37
N TYR A 94 -2.85 3.25 20.85
CA TYR A 94 -2.40 2.01 21.48
C TYR A 94 -3.31 1.59 22.62
N ASP A 95 -3.89 2.55 23.34
CA ASP A 95 -4.63 2.28 24.57
C ASP A 95 -6.13 2.21 24.36
N SER A 96 -6.58 2.18 23.12
CA SER A 96 -7.96 2.22 22.67
C SER A 96 -8.57 0.82 22.70
N PRO A 97 -9.90 0.74 22.69
CA PRO A 97 -10.54 -0.59 22.60
C PRO A 97 -10.15 -1.34 21.35
N PHE A 98 -9.92 -0.62 20.24
CA PHE A 98 -9.49 -1.24 18.99
C PHE A 98 -8.28 -2.14 19.19
N PHE A 99 -7.31 -1.69 19.99
CA PHE A 99 -6.12 -2.52 20.15
C PHE A 99 -6.34 -3.64 21.16
N VAL A 100 -7.34 -3.52 22.03
CA VAL A 100 -7.69 -4.70 22.84
C VAL A 100 -8.13 -5.82 21.94
N ASP A 101 -8.96 -5.52 20.94
CA ASP A 101 -9.34 -6.53 19.95
C ASP A 101 -8.13 -7.14 19.27
N VAL A 102 -7.16 -6.29 18.88
CA VAL A 102 -5.96 -6.77 18.21
C VAL A 102 -5.24 -7.78 19.10
N MET A 103 -5.05 -7.43 20.36
CA MET A 103 -4.40 -8.35 21.30
C MET A 103 -5.24 -9.60 21.52
N ALA A 104 -6.57 -9.45 21.58
CA ALA A 104 -7.43 -10.62 21.79
C ALA A 104 -7.25 -11.64 20.68
N ARG A 105 -7.24 -11.19 19.42
CA ARG A 105 -7.14 -12.09 18.28
C ARG A 105 -5.87 -12.91 18.31
N LYS A 106 -4.86 -12.46 19.05
CA LYS A 106 -3.61 -13.21 19.22
C LYS A 106 -3.57 -14.00 20.52
N GLY A 107 -4.56 -13.82 21.40
CA GLY A 107 -4.67 -14.58 22.64
C GLY A 107 -3.57 -14.29 23.65
N LEU A 108 -3.41 -13.03 24.02
CA LEU A 108 -2.28 -12.60 24.83
C LEU A 108 -2.69 -12.49 26.30
N ASN A 109 -1.83 -13.03 27.17
CA ASN A 109 -2.05 -13.00 28.61
C ASN A 109 -1.85 -11.58 29.15
N ALA A 110 -2.12 -11.43 30.46
CA ALA A 110 -1.95 -10.12 31.09
C ALA A 110 -0.51 -9.63 30.95
N GLU A 111 0.46 -10.55 31.01
CA GLU A 111 1.85 -10.16 30.85
C GLU A 111 2.15 -9.87 29.39
N GLN A 112 1.67 -10.72 28.48
CA GLN A 112 1.88 -10.52 27.05
C GLN A 112 1.20 -9.24 26.55
N GLN A 113 0.00 -8.93 27.06
CA GLN A 113 -0.65 -7.67 26.69
C GLN A 113 0.18 -6.48 27.17
N GLN A 114 0.81 -6.59 28.33
CA GLN A 114 1.58 -5.47 28.86
C GLN A 114 2.82 -5.18 28.00
N ALA A 115 3.50 -6.23 27.55
CA ALA A 115 4.59 -6.09 26.60
C ALA A 115 4.11 -5.51 25.28
N ALA A 116 3.03 -6.08 24.73
CA ALA A 116 2.46 -5.58 23.48
C ALA A 116 2.03 -4.13 23.60
N LEU A 117 1.42 -3.75 24.73
CA LEU A 117 1.01 -2.35 24.88
C LEU A 117 2.22 -1.43 24.91
N THR A 118 3.32 -1.89 25.53
CA THR A 118 4.52 -1.07 25.58
C THR A 118 5.11 -0.90 24.19
N LYS A 119 5.03 -1.94 23.36
CA LYS A 119 5.57 -1.86 22.01
C LYS A 119 4.69 -0.99 21.11
N TYR A 120 3.37 -1.10 21.25
CA TYR A 120 2.49 -0.23 20.47
C TYR A 120 2.74 1.23 20.81
N LYS A 121 2.94 1.53 22.10
CA LYS A 121 3.15 2.90 22.53
C LYS A 121 4.45 3.45 21.98
N ALA A 122 5.53 2.66 22.04
CA ALA A 122 6.80 3.09 21.49
C ALA A 122 6.66 3.35 20.00
N LEU A 123 6.06 2.40 19.28
CA LEU A 123 5.84 2.58 17.84
C LEU A 123 5.11 3.88 17.55
N GLN A 124 4.00 4.14 18.26
CA GLN A 124 3.13 5.25 17.91
C GLN A 124 3.61 6.60 18.42
N GLU A 125 4.28 6.63 19.56
CA GLU A 125 4.64 7.90 20.17
C GLU A 125 6.05 8.33 19.81
N GLU A 126 6.99 7.42 19.89
CA GLU A 126 8.41 7.70 19.76
C GLU A 126 8.96 7.44 18.36
N ASP A 127 8.59 6.33 17.74
CA ASP A 127 9.23 5.90 16.50
C ASP A 127 8.62 6.60 15.28
N MET A 128 7.30 6.62 15.18
CA MET A 128 6.65 7.22 14.04
C MET A 128 5.97 8.54 14.34
N LYS A 129 5.87 8.93 15.62
CA LYS A 129 5.29 10.21 16.04
C LYS A 129 3.89 10.39 15.47
N LEU A 130 3.02 9.44 15.80
CA LEU A 130 1.69 9.38 15.24
C LEU A 130 0.66 10.12 16.07
N LEU A 131 0.97 10.42 17.31
CA LEU A 131 0.00 11.02 18.22
C LEU A 131 0.12 12.54 18.25
N GLU A 132 0.82 13.11 17.26
CA GLU A 132 0.81 14.55 17.08
C GLU A 132 -0.62 15.07 17.01
N ASN A 133 -1.39 14.58 16.05
CA ASN A 133 -2.80 14.93 15.94
C ASN A 133 -3.58 13.74 15.39
N ASP A 134 -4.86 13.98 15.08
CA ASP A 134 -5.74 12.92 14.60
C ASP A 134 -5.39 12.48 13.18
N ARG A 135 -5.01 13.43 12.33
CA ARG A 135 -4.74 13.11 10.93
C ARG A 135 -3.51 12.22 10.78
N THR A 136 -2.45 12.48 11.56
CA THR A 136 -1.25 11.65 11.48
C THR A 136 -1.56 10.19 11.83
N LEU A 137 -2.46 9.97 12.80
CA LEU A 137 -2.78 8.62 13.25
C LEU A 137 -3.73 7.94 12.29
N PHE A 138 -4.70 8.68 11.78
CA PHE A 138 -5.54 8.14 10.72
C PHE A 138 -4.71 7.80 9.49
N ASP A 139 -3.71 8.63 9.16
CA ASP A 139 -2.95 8.41 7.93
C ASP A 139 -2.07 7.18 8.03
N TRP A 140 -1.68 6.81 9.24
CA TRP A 140 -0.97 5.55 9.45
C TRP A 140 -1.85 4.36 9.10
N CYS A 141 -3.06 4.30 9.67
CA CYS A 141 -3.99 3.21 9.33
C CYS A 141 -4.29 3.20 7.84
N SER A 142 -4.43 4.39 7.25
CA SER A 142 -4.76 4.52 5.84
C SER A 142 -3.63 3.96 4.97
N LYS A 143 -2.38 4.14 5.40
CA LYS A 143 -1.26 3.47 4.73
C LYS A 143 -1.46 1.96 4.69
N GLN A 144 -1.75 1.34 5.85
CA GLN A 144 -2.01 -0.10 5.84
C GLN A 144 -3.10 -0.49 4.83
N THR A 145 -4.13 0.35 4.68
CA THR A 145 -5.18 0.03 3.73
C THR A 145 -4.68 0.05 2.28
N TYR A 146 -3.60 0.82 2.00
CA TYR A 146 -3.05 0.82 0.65
C TYR A 146 -2.33 -0.49 0.36
N ILE A 147 -1.90 -1.20 1.40
CA ILE A 147 -1.42 -2.57 1.22
C ILE A 147 -2.56 -3.47 0.78
N ALA A 148 -3.67 -3.44 1.52
CA ALA A 148 -4.85 -4.21 1.10
C ALA A 148 -5.27 -3.84 -0.32
N LEU A 149 -5.23 -2.54 -0.65
CA LEU A 149 -5.63 -2.09 -1.99
C LEU A 149 -4.76 -2.72 -3.06
N ALA A 150 -3.44 -2.62 -2.89
CA ALA A 150 -2.48 -3.17 -3.83
C ALA A 150 -2.73 -4.66 -4.08
N ASN A 151 -2.95 -5.42 -3.00
CA ASN A 151 -3.10 -6.87 -3.14
C ASN A 151 -4.39 -7.23 -3.88
N MET A 152 -5.45 -6.46 -3.66
CA MET A 152 -6.69 -6.70 -4.40
C MET A 152 -6.51 -6.42 -5.89
N LEU A 153 -5.79 -5.35 -6.25
CA LEU A 153 -5.52 -5.09 -7.66
C LEU A 153 -4.70 -6.22 -8.27
N THR A 154 -3.65 -6.66 -7.56
CA THR A 154 -2.81 -7.75 -8.06
C THR A 154 -3.56 -9.08 -8.12
N GLY A 155 -4.41 -9.36 -7.14
CA GLY A 155 -5.19 -10.58 -7.19
C GLY A 155 -6.18 -10.58 -8.34
N ALA A 156 -6.89 -9.46 -8.52
CA ALA A 156 -7.76 -9.29 -9.69
C ALA A 156 -7.01 -9.58 -10.97
N SER A 157 -5.89 -8.92 -11.17
CA SER A 157 -5.14 -9.08 -12.43
C SER A 157 -4.75 -10.53 -12.67
N ALA A 158 -4.38 -11.27 -11.62
CA ALA A 158 -4.07 -12.68 -11.80
C ALA A 158 -5.30 -13.51 -12.16
N LEU A 159 -6.51 -13.05 -11.82
CA LEU A 159 -7.73 -13.78 -12.16
C LEU A 159 -8.33 -13.33 -13.49
N GLY A 160 -7.61 -12.51 -14.26
CA GLY A 160 -8.13 -11.99 -15.51
C GLY A 160 -9.03 -10.79 -15.38
N ILE A 161 -9.13 -10.18 -14.19
CA ILE A 161 -10.07 -9.10 -13.91
C ILE A 161 -9.32 -7.78 -13.82
N ASP A 162 -9.82 -6.77 -14.53
CA ASP A 162 -9.18 -5.47 -14.59
C ASP A 162 -9.64 -4.61 -13.42
N SER A 163 -8.93 -3.50 -13.20
CA SER A 163 -9.16 -2.71 -11.99
C SER A 163 -8.71 -1.28 -12.26
N CYS A 164 -9.16 -0.37 -11.39
CA CYS A 164 -8.58 0.96 -11.32
C CYS A 164 -8.65 1.46 -9.88
N PRO A 165 -7.54 1.89 -9.29
CA PRO A 165 -7.61 2.52 -7.97
C PRO A 165 -8.02 3.97 -8.12
N ILE A 166 -8.70 4.51 -7.08
CA ILE A 166 -9.47 5.75 -7.21
C ILE A 166 -9.17 6.64 -6.00
N GLU A 167 -8.62 7.82 -6.26
CA GLU A 167 -8.51 8.89 -5.27
C GLU A 167 -9.25 10.13 -5.73
N GLY A 168 -9.81 10.10 -6.94
CA GLY A 168 -10.38 11.30 -7.53
C GLY A 168 -11.81 11.51 -7.13
N PHE A 169 -12.02 11.94 -5.89
CA PHE A 169 -13.34 12.32 -5.41
C PHE A 169 -13.15 13.27 -4.23
N HIS A 170 -14.18 14.04 -3.94
CA HIS A 170 -14.16 14.94 -2.78
C HIS A 170 -14.35 14.10 -1.51
N TYR A 171 -13.30 14.02 -0.68
CA TYR A 171 -13.31 13.12 0.46
C TYR A 171 -14.37 13.53 1.48
N ASP A 172 -14.36 14.81 1.88
CA ASP A 172 -15.41 15.43 2.69
C ASP A 172 -16.82 14.96 2.29
N LYS A 173 -17.11 14.98 0.99
CA LYS A 173 -18.44 14.65 0.51
C LYS A 173 -18.64 13.17 0.27
N MET A 174 -17.57 12.42 0.00
CA MET A 174 -17.73 10.96 0.02
C MET A 174 -18.00 10.48 1.45
N ASN A 175 -17.27 11.00 2.42
CA ASN A 175 -17.49 10.60 3.81
C ASN A 175 -18.94 10.82 4.21
N GLU A 176 -19.42 12.06 4.07
CA GLU A 176 -20.75 12.38 4.57
C GLU A 176 -21.83 11.65 3.81
N CYS A 177 -21.68 11.49 2.48
CA CYS A 177 -22.68 10.73 1.73
C CYS A 177 -22.80 9.30 2.26
N LEU A 178 -21.67 8.66 2.56
CA LEU A 178 -21.68 7.28 3.03
C LEU A 178 -22.12 7.19 4.48
N ALA A 179 -21.76 8.16 5.31
CA ALA A 179 -22.11 8.14 6.72
C ALA A 179 -23.57 8.53 6.95
N GLU A 180 -24.10 9.44 6.15
CA GLU A 180 -25.50 9.78 6.30
C GLU A 180 -26.41 8.66 5.81
N GLU A 181 -25.94 7.83 4.89
CA GLU A 181 -26.68 6.63 4.51
C GLU A 181 -26.37 5.45 5.40
N GLY A 182 -25.75 5.66 6.56
CA GLY A 182 -25.67 4.64 7.57
C GLY A 182 -24.72 3.49 7.29
N LEU A 183 -23.71 3.69 6.44
CA LEU A 183 -22.85 2.58 6.02
C LEU A 183 -21.60 2.45 6.88
N PHE A 184 -21.24 3.47 7.64
CA PHE A 184 -20.21 3.33 8.66
C PHE A 184 -20.36 4.46 9.67
N ASP A 185 -19.69 4.29 10.80
CA ASP A 185 -19.69 5.26 11.89
C ASP A 185 -18.58 6.29 11.66
N PRO A 186 -18.91 7.55 11.39
CA PRO A 186 -17.87 8.54 11.05
C PRO A 186 -16.97 8.94 12.19
N GLN A 187 -17.26 8.59 13.44
CA GLN A 187 -16.25 8.84 14.45
C GLN A 187 -15.29 7.68 14.63
N GLU A 188 -15.56 6.52 14.01
CA GLU A 188 -14.73 5.33 14.09
C GLU A 188 -13.93 5.06 12.81
N TYR A 189 -14.43 5.47 11.65
CA TYR A 189 -13.83 5.17 10.35
C TYR A 189 -13.97 6.39 9.45
N ALA A 190 -13.15 6.44 8.40
CA ALA A 190 -13.22 7.46 7.36
C ALA A 190 -12.71 6.87 6.05
N VAL A 191 -13.19 7.40 4.93
CA VAL A 191 -12.80 6.84 3.64
C VAL A 191 -11.29 6.94 3.44
N SER A 192 -10.67 5.86 2.98
CA SER A 192 -9.23 5.90 2.69
C SER A 192 -8.93 6.03 1.20
N VAL A 193 -9.49 5.12 0.38
CA VAL A 193 -9.21 5.05 -1.05
C VAL A 193 -10.25 4.09 -1.60
N ALA A 194 -10.50 4.16 -2.91
CA ALA A 194 -11.46 3.26 -3.51
C ALA A 194 -10.82 2.54 -4.70
N ALA A 195 -11.60 1.70 -5.35
CA ALA A 195 -11.11 0.91 -6.47
C ALA A 195 -12.27 0.30 -7.22
N THR A 196 -12.27 0.42 -8.54
CA THR A 196 -13.26 -0.25 -9.36
C THR A 196 -12.69 -1.55 -9.91
N PHE A 197 -13.58 -2.47 -10.24
CA PHE A 197 -13.23 -3.78 -10.76
C PHE A 197 -14.18 -4.14 -11.89
N GLY A 198 -13.63 -4.72 -12.95
CA GLY A 198 -14.46 -5.20 -14.05
C GLY A 198 -13.59 -5.71 -15.18
N TYR A 199 -14.13 -5.60 -16.40
CA TYR A 199 -13.45 -6.02 -17.62
C TYR A 199 -13.35 -4.84 -18.57
N ARG A 200 -12.13 -4.55 -19.02
CA ARG A 200 -11.88 -3.36 -19.82
C ARG A 200 -12.68 -3.39 -21.13
N SER A 201 -12.98 -2.21 -21.64
CA SER A 201 -13.64 -2.05 -22.92
C SER A 201 -12.73 -1.44 -23.99
N ARG A 202 -11.49 -1.10 -23.64
CA ARG A 202 -10.50 -0.63 -24.62
C ARG A 202 -9.23 -1.48 -24.55
N ASP A 203 -8.15 -0.98 -25.13
CA ASP A 203 -6.87 -1.65 -25.07
C ASP A 203 -6.09 -1.22 -23.85
N ILE A 204 -5.28 -2.15 -23.34
CA ILE A 204 -4.33 -1.82 -22.28
C ILE A 204 -3.31 -0.84 -22.85
N ALA A 205 -3.20 0.33 -22.22
CA ALA A 205 -2.20 1.31 -22.61
C ALA A 205 -0.80 0.83 -22.18
N LYS A 206 0.21 1.40 -22.84
CA LYS A 206 1.61 1.02 -22.59
C LYS A 206 2.07 1.49 -21.22
N LYS A 207 2.76 0.62 -20.49
CA LYS A 207 3.33 1.01 -19.21
C LYS A 207 4.34 2.14 -19.41
N SER A 208 4.22 3.16 -18.57
CA SER A 208 5.19 4.24 -18.50
C SER A 208 5.61 4.35 -17.05
N ARG A 209 6.90 4.11 -16.77
CA ARG A 209 7.46 4.21 -15.43
C ARG A 209 8.86 4.80 -15.55
N LYS A 210 9.29 5.50 -14.49
CA LYS A 210 10.68 5.88 -14.39
C LYS A 210 11.56 4.63 -14.44
N GLY A 211 12.78 4.79 -14.94
CA GLY A 211 13.67 3.66 -15.09
C GLY A 211 14.18 3.15 -13.75
N LEU A 212 14.46 1.84 -13.72
CA LEU A 212 14.95 1.21 -12.49
C LEU A 212 16.21 1.90 -11.97
N ASP A 213 17.05 2.44 -12.85
CA ASP A 213 18.29 3.04 -12.39
C ASP A 213 18.12 4.40 -11.74
N GLU A 214 16.94 5.03 -11.81
CA GLU A 214 16.75 6.22 -10.99
C GLU A 214 15.84 6.01 -9.79
N VAL A 215 15.10 4.90 -9.70
CA VAL A 215 14.34 4.66 -8.48
C VAL A 215 15.08 3.76 -7.49
N VAL A 216 16.16 3.11 -7.90
CA VAL A 216 16.91 2.19 -7.06
C VAL A 216 18.26 2.81 -6.76
N LYS A 217 18.71 2.67 -5.52
CA LYS A 217 20.10 2.98 -5.17
C LYS A 217 20.64 1.84 -4.32
N TRP A 218 21.66 1.15 -4.84
CA TRP A 218 22.29 0.04 -4.14
C TRP A 218 23.38 0.59 -3.23
N VAL A 219 23.46 0.05 -2.02
CA VAL A 219 24.43 0.51 -1.03
C VAL A 219 25.31 -0.69 -0.68
N GLY A 220 26.50 -0.74 -1.27
CA GLY A 220 27.48 -1.76 -0.95
C GLY A 220 28.49 -1.24 0.07
N THR B 2 0.98 -14.88 -14.29
CA THR B 2 0.36 -14.07 -15.33
C THR B 2 -1.14 -14.36 -15.47
N GLN B 3 -1.50 -15.65 -15.40
CA GLN B 3 -2.88 -16.05 -15.15
C GLN B 3 -2.86 -17.15 -14.10
N LEU B 4 -3.63 -16.97 -13.03
CA LEU B 4 -3.71 -17.93 -11.95
C LEU B 4 -5.17 -18.27 -11.69
N THR B 5 -5.38 -19.46 -11.13
CA THR B 5 -6.69 -19.88 -10.63
C THR B 5 -6.93 -19.30 -9.24
N ARG B 6 -8.20 -19.32 -8.82
CA ARG B 6 -8.53 -18.80 -7.48
C ARG B 6 -7.80 -19.58 -6.41
N GLU B 7 -7.62 -20.90 -6.62
CA GLU B 7 -6.88 -21.71 -5.67
C GLU B 7 -5.43 -21.26 -5.59
N GLN B 8 -4.81 -20.98 -6.74
CA GLN B 8 -3.42 -20.55 -6.75
C GLN B 8 -3.26 -19.16 -6.16
N VAL B 9 -4.26 -18.29 -6.32
CA VAL B 9 -4.18 -16.94 -5.78
C VAL B 9 -4.25 -16.98 -4.25
N LEU B 10 -5.28 -17.65 -3.70
CA LEU B 10 -5.44 -17.75 -2.25
C LEU B 10 -4.22 -18.40 -1.61
N GLU B 11 -3.61 -19.38 -2.27
CA GLU B 11 -2.40 -19.99 -1.72
C GLU B 11 -1.21 -19.04 -1.79
N LEU B 12 -1.20 -18.13 -2.77
CA LEU B 12 -0.11 -17.16 -2.84
C LEU B 12 -0.17 -16.18 -1.66
N PHE B 13 -1.36 -15.80 -1.22
CA PHE B 13 -1.48 -14.85 -0.12
C PHE B 13 -1.49 -15.51 1.27
N HIS B 14 -1.77 -16.81 1.37
CA HIS B 14 -1.61 -17.53 2.64
C HIS B 14 -0.15 -17.87 2.89
N GLN B 15 0.59 -18.18 1.82
CA GLN B 15 1.98 -18.56 1.98
C GLN B 15 2.85 -17.36 2.37
N ARG B 16 2.42 -16.13 2.03
CA ARG B 16 3.19 -14.95 2.40
C ARG B 16 2.95 -14.64 3.87
N SER B 17 4.01 -14.78 4.65
CA SER B 17 4.02 -14.53 6.08
C SER B 17 5.08 -13.49 6.38
N SER B 18 5.01 -12.90 7.56
CA SER B 18 6.11 -12.03 7.99
C SER B 18 7.19 -12.87 8.63
N THR B 19 8.37 -12.86 8.01
CA THR B 19 9.48 -13.74 8.37
C THR B 19 10.39 -12.99 9.33
N ARG B 20 10.47 -13.48 10.57
CA ARG B 20 11.39 -12.92 11.57
C ARG B 20 12.72 -13.67 11.67
N TYR B 21 12.83 -14.84 11.03
CA TYR B 21 14.02 -15.69 11.15
C TYR B 21 14.47 -16.14 9.76
N TYR B 22 15.57 -15.58 9.30
CA TYR B 22 16.17 -15.90 8.01
C TYR B 22 17.39 -16.81 8.17
N ASP B 23 17.57 -17.69 7.19
CA ASP B 23 18.75 -18.55 7.07
C ASP B 23 19.91 -17.77 6.48
N PRO B 24 20.91 -17.40 7.29
CA PRO B 24 22.02 -16.58 6.79
C PRO B 24 22.88 -17.27 5.75
N THR B 25 22.69 -18.56 5.46
CA THR B 25 23.50 -19.20 4.44
C THR B 25 22.91 -19.06 3.03
N LYS B 26 21.64 -18.67 2.91
CA LYS B 26 20.95 -18.59 1.62
C LYS B 26 20.81 -17.13 1.21
N LYS B 27 21.38 -16.78 0.06
CA LYS B 27 21.29 -15.43 -0.47
C LYS B 27 20.35 -15.39 -1.66
N ILE B 28 19.72 -14.24 -1.88
CA ILE B 28 18.85 -14.05 -3.03
C ILE B 28 19.71 -13.73 -4.24
N SER B 29 19.47 -14.39 -5.36
CA SER B 29 20.27 -14.11 -6.53
C SER B 29 20.02 -12.68 -7.02
N ASP B 30 21.05 -12.09 -7.65
CA ASP B 30 20.91 -10.78 -8.31
C ASP B 30 19.69 -10.74 -9.23
N GLU B 31 19.41 -11.84 -9.95
CA GLU B 31 18.29 -11.87 -10.91
C GLU B 31 16.95 -11.87 -10.19
N ASP B 32 16.81 -12.72 -9.17
CA ASP B 32 15.56 -12.76 -8.42
C ASP B 32 15.27 -11.41 -7.78
N PHE B 33 16.30 -10.75 -7.27
CA PHE B 33 16.03 -9.55 -6.49
C PHE B 33 15.75 -8.33 -7.34
N GLU B 34 16.38 -8.24 -8.52
CA GLU B 34 15.97 -7.17 -9.42
C GLU B 34 14.58 -7.43 -9.98
N CYS B 35 14.11 -8.68 -9.98
CA CYS B 35 12.71 -8.90 -10.33
C CYS B 35 11.79 -8.36 -9.25
N ILE B 36 12.13 -8.62 -7.97
CA ILE B 36 11.36 -8.07 -6.86
C ILE B 36 11.31 -6.54 -6.94
N LEU B 37 12.44 -5.91 -7.25
CA LEU B 37 12.48 -4.46 -7.43
C LEU B 37 11.60 -3.99 -8.59
N GLU B 38 11.46 -4.80 -9.65
CA GLU B 38 10.57 -4.42 -10.75
C GLU B 38 9.12 -4.38 -10.29
N CYS B 39 8.73 -5.33 -9.42
CA CYS B 39 7.40 -5.32 -8.83
C CYS B 39 7.10 -3.99 -8.14
N GLY B 40 8.08 -3.43 -7.43
CA GLY B 40 7.88 -2.12 -6.85
C GLY B 40 7.78 -1.05 -7.93
N ARG B 41 8.71 -1.07 -8.89
CA ARG B 41 8.78 -0.02 -9.91
C ARG B 41 7.48 0.08 -10.72
N LEU B 42 6.90 -1.06 -11.06
CA LEU B 42 5.72 -1.15 -11.89
C LEU B 42 4.44 -0.82 -11.13
N SER B 43 4.52 -0.47 -9.86
CA SER B 43 3.32 -0.33 -9.05
C SER B 43 2.49 0.88 -9.50
N PRO B 44 1.16 0.78 -9.38
CA PRO B 44 0.32 1.95 -9.63
C PRO B 44 0.67 3.04 -8.63
N SER B 45 0.16 4.24 -8.91
CA SER B 45 0.63 5.41 -8.22
C SER B 45 -0.34 6.55 -8.53
N SER B 46 -0.91 7.20 -7.51
CA SER B 46 -1.80 8.33 -7.74
C SER B 46 -1.19 9.30 -8.74
N VAL B 47 -1.98 9.65 -9.77
CA VAL B 47 -1.61 10.52 -10.89
C VAL B 47 -0.22 10.21 -11.44
N GLY B 48 0.14 8.93 -11.47
CA GLY B 48 1.43 8.50 -12.01
C GLY B 48 2.62 9.13 -11.31
N SER B 49 2.46 9.49 -10.03
CA SER B 49 3.46 10.28 -9.34
C SER B 49 4.74 9.50 -9.02
N GLU B 50 4.66 8.16 -8.92
CA GLU B 50 5.77 7.27 -8.58
C GLU B 50 6.70 7.88 -7.51
N PRO B 51 6.15 8.22 -6.34
CA PRO B 51 6.91 9.08 -5.41
C PRO B 51 7.91 8.36 -4.52
N TRP B 52 8.56 7.31 -5.03
CA TRP B 52 9.37 6.42 -4.22
C TRP B 52 10.81 6.34 -4.72
N LYS B 53 11.69 5.97 -3.80
CA LYS B 53 13.07 5.56 -4.07
C LYS B 53 13.35 4.35 -3.18
N PHE B 54 13.98 3.33 -3.74
CA PHE B 54 14.32 2.10 -3.01
C PHE B 54 15.82 2.10 -2.69
N LEU B 55 16.17 2.10 -1.41
CA LEU B 55 17.55 1.89 -0.97
C LEU B 55 17.75 0.42 -0.62
N VAL B 56 18.67 -0.26 -1.31
CA VAL B 56 19.00 -1.65 -1.01
C VAL B 56 20.24 -1.63 -0.13
N ILE B 57 20.08 -1.97 1.14
CA ILE B 57 21.10 -1.75 2.16
C ILE B 57 21.86 -3.07 2.33
N GLN B 58 22.92 -3.26 1.54
CA GLN B 58 23.69 -4.48 1.66
C GLN B 58 24.97 -4.32 2.48
N ASN B 59 25.42 -3.09 2.70
CA ASN B 59 26.59 -2.83 3.52
C ASN B 59 26.35 -3.29 4.95
N LYS B 60 27.20 -4.20 5.43
CA LYS B 60 26.94 -4.81 6.74
C LYS B 60 27.18 -3.84 7.89
N THR B 61 28.15 -2.92 7.76
CA THR B 61 28.39 -1.98 8.85
C THR B 61 27.26 -0.96 8.97
N LEU B 62 26.61 -0.61 7.87
CA LEU B 62 25.46 0.28 7.95
C LEU B 62 24.26 -0.45 8.57
N ARG B 63 24.12 -1.75 8.30
CA ARG B 63 23.13 -2.56 9.00
C ARG B 63 23.36 -2.51 10.50
N GLU B 64 24.61 -2.75 10.94
CA GLU B 64 24.92 -2.75 12.36
C GLU B 64 24.60 -1.39 12.96
N LYS B 65 24.95 -0.32 12.26
CA LYS B 65 24.62 1.03 12.71
C LYS B 65 23.11 1.24 12.85
N MET B 66 22.29 0.45 12.13
CA MET B 66 20.85 0.60 12.30
C MET B 66 20.33 -0.09 13.56
N LYS B 67 20.95 -1.18 13.99
CA LYS B 67 20.40 -2.00 15.06
C LYS B 67 20.06 -1.24 16.33
N PRO B 68 20.86 -0.27 16.81
CA PRO B 68 20.49 0.41 18.07
C PRO B 68 19.14 1.13 18.05
N PHE B 69 18.56 1.44 16.88
CA PHE B 69 17.25 2.10 16.85
C PHE B 69 16.22 1.36 16.00
N SER B 70 16.44 0.08 15.71
CA SER B 70 15.56 -0.69 14.82
C SER B 70 15.16 -2.00 15.49
N TRP B 71 14.50 -1.87 16.65
CA TRP B 71 14.12 -3.04 17.45
C TRP B 71 13.17 -3.97 16.69
N GLY B 72 12.33 -3.42 15.81
CA GLY B 72 11.45 -4.23 14.97
C GLY B 72 12.17 -5.14 13.99
N MET B 73 13.49 -4.98 13.79
CA MET B 73 14.20 -5.88 12.90
C MET B 73 15.58 -6.22 13.40
N ILE B 74 15.84 -6.07 14.70
CA ILE B 74 17.22 -6.11 15.21
C ILE B 74 17.92 -7.40 14.81
N ASN B 75 17.26 -8.54 14.94
CA ASN B 75 17.89 -9.79 14.55
C ASN B 75 17.82 -10.04 13.04
N GLN B 76 16.78 -9.57 12.37
CA GLN B 76 16.72 -9.76 10.93
C GLN B 76 17.85 -9.03 10.21
N LEU B 77 18.31 -7.90 10.76
CA LEU B 77 19.42 -7.17 10.15
C LEU B 77 20.67 -8.01 10.04
N ASP B 78 20.86 -8.95 10.98
CA ASP B 78 22.02 -9.83 11.00
C ASP B 78 21.88 -11.00 10.03
N ASN B 79 20.67 -11.36 9.59
CA ASN B 79 20.48 -12.61 8.87
C ASN B 79 19.73 -12.51 7.56
N CYS B 80 19.08 -11.38 7.26
CA CYS B 80 18.33 -11.32 6.01
C CYS B 80 19.28 -11.20 4.82
N SER B 81 18.84 -11.70 3.68
CA SER B 81 19.64 -11.53 2.48
C SER B 81 19.68 -10.07 2.06
N HIS B 82 18.52 -9.45 1.90
CA HIS B 82 18.43 -8.09 1.36
C HIS B 82 17.57 -7.23 2.27
N LEU B 83 17.95 -5.97 2.42
CA LEU B 83 17.17 -4.99 3.16
C LEU B 83 16.86 -3.84 2.23
N VAL B 84 15.57 -3.49 2.12
CA VAL B 84 15.12 -2.37 1.32
C VAL B 84 14.47 -1.35 2.22
N VAL B 85 14.96 -0.12 2.17
CA VAL B 85 14.31 1.02 2.78
C VAL B 85 13.67 1.83 1.66
N ILE B 86 12.36 2.03 1.76
CA ILE B 86 11.63 2.81 0.79
C ILE B 86 11.54 4.25 1.29
N LEU B 87 11.97 5.19 0.45
CA LEU B 87 11.80 6.60 0.70
C LEU B 87 10.56 7.08 -0.02
N ALA B 88 9.97 8.17 0.48
CA ALA B 88 8.87 8.85 -0.19
C ALA B 88 9.25 10.31 -0.44
N LYS B 89 8.69 10.87 -1.52
CA LYS B 89 9.02 12.23 -1.92
C LYS B 89 8.37 13.25 -0.98
N LYS B 90 9.18 14.18 -0.47
CA LYS B 90 8.67 15.29 0.33
C LYS B 90 8.23 16.45 -0.55
N ASN B 91 7.19 17.14 -0.08
CA ASN B 91 6.76 18.39 -0.68
C ASN B 91 6.43 18.24 -2.17
N ALA B 92 5.65 17.20 -2.49
CA ALA B 92 5.28 16.90 -3.87
C ALA B 92 4.07 17.74 -4.30
N ARG B 93 4.20 19.07 -4.15
CA ARG B 93 3.11 19.97 -4.48
C ARG B 93 2.80 19.90 -5.98
N TYR B 94 1.54 20.19 -6.31
CA TYR B 94 1.10 20.13 -7.70
C TYR B 94 1.91 21.04 -8.62
N ASP B 95 2.40 22.16 -8.09
CA ASP B 95 3.17 23.15 -8.84
C ASP B 95 4.68 23.00 -8.63
N SER B 96 5.16 21.83 -8.29
CA SER B 96 6.56 21.64 -8.00
C SER B 96 7.31 21.16 -9.23
N PRO B 97 8.64 21.32 -9.25
CA PRO B 97 9.44 20.70 -10.32
C PRO B 97 9.25 19.21 -10.43
N PHE B 98 8.99 18.54 -9.30
CA PHE B 98 8.69 17.11 -9.31
C PHE B 98 7.51 16.79 -10.24
N PHE B 99 6.41 17.54 -10.13
CA PHE B 99 5.29 17.26 -11.02
C PHE B 99 5.49 17.77 -12.46
N VAL B 100 6.42 18.71 -12.68
CA VAL B 100 6.83 19.03 -14.04
C VAL B 100 7.52 17.83 -14.67
N ASP B 101 8.36 17.13 -13.90
CA ASP B 101 8.91 15.86 -14.37
C ASP B 101 7.81 14.85 -14.68
N VAL B 102 6.76 14.82 -13.87
CA VAL B 102 5.71 13.84 -14.08
C VAL B 102 4.99 14.14 -15.39
N MET B 103 4.65 15.40 -15.61
CA MET B 103 3.97 15.78 -16.85
C MET B 103 4.85 15.53 -18.06
N ALA B 104 6.15 15.84 -17.95
CA ALA B 104 7.08 15.63 -19.06
C ALA B 104 7.16 14.16 -19.46
N ARG B 105 7.18 13.24 -18.49
CA ARG B 105 7.15 11.82 -18.82
C ARG B 105 5.84 11.39 -19.48
N LYS B 106 4.85 12.29 -19.58
CA LYS B 106 3.58 12.01 -20.25
C LYS B 106 3.39 12.83 -21.53
N GLY B 107 4.34 13.71 -21.84
CA GLY B 107 4.31 14.45 -23.09
C GLY B 107 3.13 15.39 -23.22
N LEU B 108 2.89 16.17 -22.17
CA LEU B 108 1.80 17.13 -22.18
C LEU B 108 2.26 18.51 -22.63
N ASN B 109 1.56 19.06 -23.64
CA ASN B 109 1.82 20.38 -24.19
C ASN B 109 1.52 21.46 -23.14
N ALA B 110 1.79 22.72 -23.48
CA ALA B 110 1.51 23.80 -22.52
C ALA B 110 0.03 23.84 -22.14
N GLU B 111 -0.86 23.37 -23.03
CA GLU B 111 -2.30 23.28 -22.75
C GLU B 111 -2.66 22.11 -21.85
N GLN B 112 -2.17 20.91 -22.19
CA GLN B 112 -2.44 19.72 -21.37
C GLN B 112 -1.81 19.85 -19.99
N GLN B 113 -0.68 20.55 -19.89
CA GLN B 113 -0.09 20.85 -18.59
C GLN B 113 -1.01 21.75 -17.76
N GLN B 114 -1.62 22.76 -18.40
CA GLN B 114 -2.47 23.69 -17.69
C GLN B 114 -3.76 23.00 -17.23
N ALA B 115 -4.23 22.00 -17.98
CA ALA B 115 -5.33 21.15 -17.52
C ALA B 115 -4.87 20.21 -16.40
N ALA B 116 -3.71 19.56 -16.56
CA ALA B 116 -3.25 18.62 -15.55
C ALA B 116 -2.99 19.31 -14.22
N LEU B 117 -2.32 20.48 -14.23
CA LEU B 117 -2.03 21.18 -12.99
C LEU B 117 -3.31 21.60 -12.27
N THR B 118 -4.34 21.98 -13.03
CA THR B 118 -5.63 22.27 -12.40
C THR B 118 -6.19 21.03 -11.70
N LYS B 119 -6.11 19.87 -12.36
CA LYS B 119 -6.58 18.64 -11.74
C LYS B 119 -5.75 18.24 -10.54
N TYR B 120 -4.42 18.27 -10.66
CA TYR B 120 -3.53 18.06 -9.52
C TYR B 120 -3.89 18.99 -8.36
N LYS B 121 -4.06 20.28 -8.66
CA LYS B 121 -4.40 21.27 -7.63
C LYS B 121 -5.72 20.95 -6.94
N ALA B 122 -6.74 20.54 -7.71
CA ALA B 122 -8.03 20.23 -7.09
C ALA B 122 -7.97 18.93 -6.30
N LEU B 123 -7.23 17.95 -6.79
CA LEU B 123 -7.00 16.72 -6.02
C LEU B 123 -6.28 17.04 -4.72
N GLN B 124 -5.20 17.81 -4.78
CA GLN B 124 -4.40 18.04 -3.59
C GLN B 124 -5.07 19.05 -2.65
N GLU B 125 -5.70 20.09 -3.20
CA GLU B 125 -6.11 21.16 -2.30
C GLU B 125 -7.50 20.97 -1.76
N GLU B 126 -8.43 20.44 -2.55
CA GLU B 126 -9.81 20.35 -2.04
C GLU B 126 -10.36 18.93 -1.97
N ASP B 127 -9.89 18.00 -2.79
CA ASP B 127 -10.35 16.62 -2.67
C ASP B 127 -9.76 15.96 -1.43
N MET B 128 -8.44 16.02 -1.26
CA MET B 128 -7.74 15.27 -0.21
C MET B 128 -7.14 16.15 0.87
N LYS B 129 -7.24 17.47 0.75
CA LYS B 129 -6.76 18.43 1.76
C LYS B 129 -5.34 18.10 2.18
N LEU B 130 -4.47 17.97 1.19
CA LEU B 130 -3.08 17.58 1.43
C LEU B 130 -2.19 18.76 1.73
N LEU B 131 -2.61 19.97 1.44
CA LEU B 131 -1.72 21.11 1.55
C LEU B 131 -1.81 21.78 2.90
N GLU B 132 -2.40 21.10 3.90
CA GLU B 132 -2.49 21.67 5.24
C GLU B 132 -1.10 21.83 5.85
N ASN B 133 -0.27 20.79 5.81
CA ASN B 133 1.10 20.91 6.28
C ASN B 133 1.97 19.91 5.53
N ASP B 134 3.28 19.97 5.79
CA ASP B 134 4.22 19.07 5.12
C ASP B 134 3.83 17.62 5.35
N ARG B 135 3.56 17.27 6.61
CA ARG B 135 3.33 15.88 6.98
C ARG B 135 2.17 15.28 6.20
N THR B 136 1.09 16.05 5.99
CA THR B 136 -0.05 15.48 5.26
C THR B 136 0.31 15.26 3.80
N LEU B 137 1.02 16.20 3.17
CA LEU B 137 1.46 15.98 1.79
C LEU B 137 2.44 14.82 1.70
N PHE B 138 3.42 14.76 2.63
CA PHE B 138 4.34 13.63 2.65
C PHE B 138 3.60 12.30 2.82
N ASP B 139 2.64 12.25 3.76
CA ASP B 139 1.92 11.00 4.03
C ASP B 139 1.12 10.55 2.83
N TRP B 140 0.75 11.46 1.92
CA TRP B 140 0.05 11.06 0.69
C TRP B 140 0.96 10.23 -0.21
N CYS B 141 2.17 10.74 -0.46
CA CYS B 141 3.20 9.99 -1.20
C CYS B 141 3.55 8.69 -0.50
N SER B 142 3.73 8.76 0.81
CA SER B 142 4.09 7.57 1.57
C SER B 142 3.04 6.47 1.38
N LYS B 143 1.77 6.85 1.26
CA LYS B 143 0.73 5.86 1.00
C LYS B 143 0.99 5.14 -0.31
N GLN B 144 1.36 5.89 -1.36
CA GLN B 144 1.69 5.27 -2.64
C GLN B 144 2.84 4.28 -2.48
N THR B 145 3.82 4.59 -1.65
CA THR B 145 4.94 3.67 -1.45
C THR B 145 4.51 2.36 -0.78
N TYR B 146 3.46 2.39 0.06
CA TYR B 146 2.95 1.14 0.64
C TYR B 146 2.33 0.24 -0.41
N ILE B 147 1.91 0.80 -1.56
CA ILE B 147 1.54 -0.05 -2.68
C ILE B 147 2.76 -0.77 -3.22
N ALA B 148 3.84 -0.02 -3.48
CA ALA B 148 5.08 -0.63 -3.91
C ALA B 148 5.57 -1.66 -2.90
N LEU B 149 5.46 -1.35 -1.61
CA LEU B 149 5.87 -2.33 -0.59
C LEU B 149 5.09 -3.63 -0.73
N ALA B 150 3.75 -3.54 -0.83
CA ALA B 150 2.89 -4.72 -0.91
C ALA B 150 3.22 -5.57 -2.12
N ASN B 151 3.40 -4.94 -3.29
CA ASN B 151 3.73 -5.68 -4.49
C ASN B 151 5.09 -6.36 -4.40
N MET B 152 6.03 -5.76 -3.69
CA MET B 152 7.34 -6.37 -3.55
C MET B 152 7.27 -7.60 -2.66
N LEU B 153 6.41 -7.56 -1.62
CA LEU B 153 6.24 -8.72 -0.75
C LEU B 153 5.59 -9.87 -1.50
N THR B 154 4.61 -9.55 -2.36
CA THR B 154 3.86 -10.56 -3.09
C THR B 154 4.67 -11.14 -4.26
N GLY B 155 5.38 -10.29 -4.99
CA GLY B 155 6.24 -10.81 -6.06
C GLY B 155 7.33 -11.72 -5.52
N ALA B 156 7.97 -11.30 -4.42
CA ALA B 156 8.96 -12.13 -3.74
C ALA B 156 8.40 -13.50 -3.40
N SER B 157 7.19 -13.52 -2.83
CA SER B 157 6.61 -14.79 -2.38
C SER B 157 6.24 -15.66 -3.57
N ALA B 158 5.85 -15.06 -4.71
CA ALA B 158 5.60 -15.87 -5.89
C ALA B 158 6.88 -16.46 -6.44
N LEU B 159 8.02 -15.86 -6.13
CA LEU B 159 9.33 -16.41 -6.44
C LEU B 159 9.84 -17.37 -5.39
N GLY B 160 9.02 -17.75 -4.42
CA GLY B 160 9.50 -18.58 -3.34
C GLY B 160 10.43 -17.89 -2.35
N ILE B 161 10.43 -16.55 -2.29
CA ILE B 161 11.34 -15.79 -1.43
C ILE B 161 10.52 -15.15 -0.30
N ASP B 162 11.02 -15.26 0.93
CA ASP B 162 10.30 -14.74 2.08
C ASP B 162 10.67 -13.28 2.33
N SER B 163 9.87 -12.63 3.16
CA SER B 163 9.98 -11.18 3.38
C SER B 163 9.31 -10.82 4.69
N CYS B 164 9.50 -9.58 5.07
CA CYS B 164 8.87 -9.02 6.26
C CYS B 164 8.84 -7.50 6.17
N PRO B 165 7.66 -6.86 6.14
CA PRO B 165 7.61 -5.40 6.19
C PRO B 165 7.98 -4.90 7.59
N ILE B 166 8.58 -3.71 7.63
CA ILE B 166 9.20 -3.19 8.84
C ILE B 166 8.83 -1.71 9.02
N GLU B 167 8.10 -1.41 10.10
CA GLU B 167 7.98 -0.04 10.63
C GLU B 167 8.67 0.14 11.97
N GLY B 168 9.11 -0.94 12.61
CA GLY B 168 9.60 -0.82 13.95
C GLY B 168 11.00 -0.27 14.06
N PHE B 169 11.14 1.06 13.90
CA PHE B 169 12.43 1.73 14.05
C PHE B 169 12.17 3.20 14.32
N HIS B 170 13.14 3.87 14.94
CA HIS B 170 13.07 5.32 15.12
C HIS B 170 13.19 6.00 13.77
N TYR B 171 12.09 6.61 13.29
CA TYR B 171 12.12 7.19 11.94
C TYR B 171 13.08 8.37 11.84
N ASP B 172 13.10 9.25 12.84
CA ASP B 172 14.01 10.40 12.77
C ASP B 172 15.46 9.95 12.77
N LYS B 173 15.81 8.96 13.60
CA LYS B 173 17.18 8.43 13.60
C LYS B 173 17.52 7.69 12.32
N MET B 174 16.53 7.04 11.71
CA MET B 174 16.81 6.35 10.46
C MET B 174 17.02 7.35 9.33
N ASN B 175 16.23 8.43 9.32
CA ASN B 175 16.40 9.51 8.36
C ASN B 175 17.79 10.13 8.51
N GLU B 176 18.18 10.49 9.73
CA GLU B 176 19.51 11.06 9.96
C GLU B 176 20.61 10.14 9.46
N CYS B 177 20.58 8.88 9.87
CA CYS B 177 21.71 8.00 9.61
C CYS B 177 21.88 7.73 8.11
N LEU B 178 20.78 7.60 7.37
CA LEU B 178 20.94 7.38 5.94
C LEU B 178 21.27 8.66 5.20
N ALA B 179 20.87 9.82 5.72
CA ALA B 179 21.26 11.09 5.10
C ALA B 179 22.74 11.38 5.28
N GLU B 180 23.28 11.05 6.46
CA GLU B 180 24.69 11.26 6.73
C GLU B 180 25.59 10.33 5.92
N GLU B 181 25.04 9.30 5.30
CA GLU B 181 25.82 8.52 4.36
C GLU B 181 25.71 9.05 2.95
N GLY B 182 24.99 10.16 2.76
CA GLY B 182 24.76 10.75 1.46
C GLY B 182 23.91 9.90 0.54
N LEU B 183 23.03 9.06 1.09
CA LEU B 183 22.27 8.15 0.24
C LEU B 183 21.08 8.84 -0.42
N PHE B 184 20.60 9.93 0.16
CA PHE B 184 19.51 10.70 -0.44
C PHE B 184 19.59 12.11 0.10
N ASP B 185 18.89 13.00 -0.59
CA ASP B 185 18.80 14.39 -0.19
C ASP B 185 17.65 14.56 0.79
N PRO B 186 17.92 14.84 2.07
CA PRO B 186 16.84 14.88 3.08
C PRO B 186 15.83 16.01 2.88
N GLN B 187 16.10 16.97 2.00
CA GLN B 187 15.08 17.96 1.70
C GLN B 187 14.10 17.44 0.65
N GLU B 188 14.47 16.38 -0.06
CA GLU B 188 13.71 15.86 -1.20
C GLU B 188 12.93 14.60 -0.88
N TYR B 189 13.44 13.78 0.05
CA TYR B 189 12.93 12.46 0.36
C TYR B 189 13.03 12.22 1.86
N ALA B 190 12.25 11.24 2.34
CA ALA B 190 12.33 10.80 3.73
C ALA B 190 11.90 9.34 3.79
N VAL B 191 12.33 8.65 4.85
CA VAL B 191 12.04 7.23 4.98
C VAL B 191 10.54 7.02 5.07
N SER B 192 10.02 6.09 4.27
CA SER B 192 8.62 5.74 4.33
C SER B 192 8.36 4.43 5.07
N VAL B 193 9.00 3.34 4.66
CA VAL B 193 8.79 2.03 5.27
C VAL B 193 9.95 1.15 4.81
N ALA B 194 10.18 0.04 5.53
CA ALA B 194 11.25 -0.89 5.14
C ALA B 194 10.71 -2.31 4.94
N ALA B 195 11.58 -3.17 4.42
CA ALA B 195 11.26 -4.56 4.15
C ALA B 195 12.55 -5.36 4.06
N THR B 196 12.58 -6.52 4.74
CA THR B 196 13.64 -7.50 4.61
C THR B 196 13.17 -8.62 3.68
N PHE B 197 14.14 -9.30 3.06
CA PHE B 197 13.88 -10.41 2.16
C PHE B 197 14.92 -11.49 2.37
N GLY B 198 14.56 -12.72 2.04
CA GLY B 198 15.46 -13.83 2.26
C GLY B 198 14.69 -15.13 2.26
N TYR B 199 15.30 -16.15 2.87
CA TYR B 199 14.74 -17.50 2.88
C TYR B 199 14.50 -17.92 4.32
N ARG B 200 13.23 -18.16 4.65
CA ARG B 200 12.87 -18.36 6.05
C ARG B 200 13.63 -19.55 6.62
N SER B 201 13.82 -19.53 7.93
CA SER B 201 14.44 -20.65 8.62
C SER B 201 13.44 -21.44 9.45
N ARG B 202 12.18 -21.01 9.50
CA ARG B 202 11.15 -21.67 10.31
C ARG B 202 9.95 -21.95 9.45
N ASP B 203 9.03 -22.73 10.01
CA ASP B 203 7.77 -23.03 9.33
C ASP B 203 6.93 -21.76 9.25
N ILE B 204 6.07 -21.71 8.23
CA ILE B 204 5.16 -20.59 8.05
C ILE B 204 4.09 -20.60 9.14
N ALA B 205 3.98 -19.50 9.88
CA ALA B 205 2.91 -19.38 10.87
C ALA B 205 1.54 -19.26 10.19
N LYS B 206 0.52 -19.74 10.88
CA LYS B 206 -0.84 -19.73 10.33
C LYS B 206 -1.42 -18.32 10.34
N LYS B 207 -2.14 -17.98 9.27
CA LYS B 207 -2.81 -16.67 9.17
C LYS B 207 -3.81 -16.50 10.30
N SER B 208 -3.77 -15.34 10.94
CA SER B 208 -4.86 -14.90 11.81
C SER B 208 -5.34 -13.56 11.30
N ARG B 209 -6.63 -13.50 10.93
CA ARG B 209 -7.27 -12.28 10.45
C ARG B 209 -8.67 -12.21 10.99
N LYS B 210 -9.20 -11.00 11.08
CA LYS B 210 -10.65 -10.86 11.21
C LYS B 210 -11.35 -11.54 10.03
N GLY B 211 -12.50 -12.14 10.32
CA GLY B 211 -13.23 -12.85 9.30
C GLY B 211 -13.78 -11.93 8.23
N LEU B 212 -14.03 -12.51 7.05
CA LEU B 212 -14.54 -11.75 5.92
C LEU B 212 -15.86 -11.06 6.24
N ASP B 213 -16.68 -11.67 7.10
CA ASP B 213 -17.95 -11.05 7.47
C ASP B 213 -17.76 -9.81 8.31
N GLU B 214 -16.64 -9.71 9.04
CA GLU B 214 -16.41 -8.52 9.86
C GLU B 214 -15.74 -7.39 9.07
N VAL B 215 -14.93 -7.71 8.05
CA VAL B 215 -14.19 -6.68 7.34
C VAL B 215 -14.90 -6.19 6.09
N VAL B 216 -15.84 -6.98 5.53
CA VAL B 216 -16.58 -6.65 4.32
C VAL B 216 -18.00 -6.21 4.69
N LYS B 217 -18.49 -5.16 4.04
CA LYS B 217 -19.88 -4.75 4.14
C LYS B 217 -20.46 -4.55 2.74
N TRP B 218 -21.46 -5.37 2.40
CA TRP B 218 -22.07 -5.40 1.08
C TRP B 218 -23.28 -4.48 1.07
N VAL B 219 -23.38 -3.65 0.03
CA VAL B 219 -24.46 -2.69 -0.10
C VAL B 219 -25.13 -2.97 -1.45
N GLY B 220 -26.18 -3.80 -1.44
CA GLY B 220 -26.97 -4.08 -2.62
C GLY B 220 -28.23 -3.24 -2.71
C1 EDO C . 8.77 0.12 -18.72
O1 EDO C . 8.40 1.42 -19.04
C2 EDO C . 7.64 -0.80 -18.68
O2 EDO C . 7.00 -0.91 -19.92
C1 EDO D . -8.76 -17.37 8.01
O1 EDO D . -7.86 -17.67 6.94
C2 EDO D . -8.42 -16.17 8.81
O2 EDO D . -8.19 -16.42 10.18
N1 FMN E . -7.00 6.77 -11.92
C2 FMN E . -8.23 7.25 -12.18
O2 FMN E . -8.72 7.17 -13.32
N3 FMN E . -8.99 7.84 -11.22
C4 FMN E . -8.57 7.96 -9.91
O4 FMN E . -9.31 8.50 -9.08
C4A FMN E . -7.30 7.40 -9.59
N5 FMN E . -6.87 7.42 -8.34
C5A FMN E . -5.76 6.68 -8.04
C6 FMN E . -5.45 6.43 -6.69
C7 FMN E . -4.43 5.57 -6.32
C7M FMN E . -4.18 5.23 -4.87
C8 FMN E . -3.64 4.98 -7.32
C8M FMN E . -2.57 3.98 -6.95
C9 FMN E . -3.88 5.26 -8.65
C9A FMN E . -4.97 6.06 -9.04
N10 FMN E . -5.35 6.23 -10.37
C10 FMN E . -6.58 6.79 -10.68
C1' FMN E . -4.59 5.52 -11.41
C2' FMN E . -3.26 6.18 -11.70
O2' FMN E . -3.46 7.36 -12.47
C3' FMN E . -2.36 5.17 -12.44
O3' FMN E . -2.03 4.15 -11.50
C4' FMN E . -1.05 5.70 -13.00
O4' FMN E . -1.30 6.74 -13.95
C5' FMN E . -0.23 4.60 -13.66
O5' FMN E . -1.01 3.97 -14.71
P FMN E . -1.25 2.37 -14.64
O1P FMN E . 0.05 1.65 -14.76
O2P FMN E . -1.91 2.06 -13.29
O3P FMN E . -2.18 2.11 -15.81
C06 EIV F . 5.82 -4.90 14.80
C07 EIV F . 4.96 -3.02 13.54
C08 EIV F . 6.87 -3.07 15.01
C09 EIV F . 6.86 -5.09 15.67
N03 EIV F . 5.87 -3.66 14.43
N04 EIV F . 7.48 -3.94 15.77
N05 EIV F . 4.85 -5.84 14.41
O01 EIV F . 4.66 -6.99 15.14
O02 EIV F . 4.09 -5.56 13.32
C ACY G . -5.36 9.93 -11.30
O ACY G . -4.70 9.22 -10.63
OXT ACY G . -5.21 10.05 -12.49
CH3 ACY G . -6.48 10.71 -10.62
N1 FMN H . 6.69 -7.10 11.75
C2 FMN H . 7.89 -7.05 12.35
O2 FMN H . 8.43 -8.08 12.81
N3 FMN H . 8.57 -5.88 12.51
C4 FMN H . 8.10 -4.67 12.03
O4 FMN H . 8.77 -3.66 12.20
C4A FMN H . 6.86 -4.71 11.32
N5 FMN H . 6.39 -3.60 10.77
C5A FMN H . 5.33 -3.71 9.91
C6 FMN H . 5.00 -2.63 9.08
C7 FMN H . 4.03 -2.72 8.11
C7M FMN H . 3.76 -1.57 7.17
C8 FMN H . 3.32 -3.93 7.97
C8M FMN H . 2.32 -4.09 6.86
C9 FMN H . 3.59 -4.99 8.81
C9A FMN H . 4.63 -4.93 9.76
N10 FMN H . 5.03 -6.03 10.51
C10 FMN H . 6.23 -6.00 11.20
C1' FMN H . 4.36 -7.32 10.28
C2' FMN H . 2.99 -7.39 10.93
O2' FMN H . 3.13 -7.55 12.33
C3' FMN H . 2.21 -8.53 10.29
O3' FMN H . 1.91 -8.15 8.96
C4' FMN H . 0.88 -8.90 10.95
O4' FMN H . 1.08 -9.28 12.31
C5' FMN H . 0.17 -10.01 10.20
O5' FMN H . 1.02 -11.18 10.11
P FMN H . 1.38 -11.79 8.66
O1P FMN H . 0.12 -12.29 8.01
O2P FMN H . 2.01 -10.67 7.84
O3P FMN H . 2.35 -12.89 8.98
#